data_3LRE
#
_entry.id   3LRE
#
_cell.length_a   69.420
_cell.length_b   79.744
_cell.length_c   140.145
_cell.angle_alpha   90.000
_cell.angle_beta   90.000
_cell.angle_gamma   90.000
#
_symmetry.space_group_name_H-M   'P 21 21 21'
#
loop_
_entity.id
_entity.type
_entity.pdbx_description
1 polymer 'Kinesin-like protein KIF18A'
2 non-polymer 'MAGNESIUM ION'
3 non-polymer "ADENOSINE-5'-DIPHOSPHATE"
4 water water
#
_entity_poly.entity_id   1
_entity_poly.type   'polypeptide(L)'
_entity_poly.pdbx_seq_one_letter_code
;MSVTEEDLCHHMKVVVRVRPENTKEKAAGFHKVVHVVDKHILVFDPKQEEVSFFHGKKTTNQNVIKKQNKDLKFVFDAVF
DETSTQSEVFEHTTKPILRSFLNGYNCTVLAYGATGAGKTHTMLGSADEPGVMYLTMLHLYKCMDEIKEEKICSTAVSYL
EVYNEQIRDLLVNSGPLAVREDTQKGVVVHGLTLHQPKSSEEILHLLDNGNKNRTQHPTDMNATSSRSHAVFQIYLRQQD
KTASINQNVRIAKMSLIDLAGSERASTSGAKGTRFVEGTNINRSLLALGNVINALADSKRKNQHIPYRNSKLTRLLKDSL
GGNCQTIMIAAVSPSSVFYDDTYNTLKYANRAKDI
;
_entity_poly.pdbx_strand_id   A,B
#
# COMPACT_ATOMS: atom_id res chain seq x y z
N MET A 12 -22.59 -20.14 -7.12
CA MET A 12 -21.26 -19.52 -7.43
C MET A 12 -21.28 -18.00 -7.26
N LYS A 13 -20.46 -17.52 -6.31
CA LYS A 13 -20.20 -16.12 -6.16
C LYS A 13 -19.21 -15.68 -7.25
N VAL A 14 -19.47 -14.53 -7.86
CA VAL A 14 -18.60 -13.97 -8.89
C VAL A 14 -18.21 -12.55 -8.53
N VAL A 15 -16.89 -12.32 -8.43
CA VAL A 15 -16.29 -11.01 -8.18
C VAL A 15 -15.28 -10.70 -9.28
N VAL A 16 -14.99 -9.41 -9.43
CA VAL A 16 -14.08 -8.95 -10.47
C VAL A 16 -12.98 -8.12 -9.85
N ARG A 17 -11.73 -8.39 -10.21
CA ARG A 17 -10.61 -7.57 -9.80
C ARG A 17 -9.89 -6.80 -10.95
N VAL A 18 -9.98 -5.47 -10.89
CA VAL A 18 -9.38 -4.57 -11.86
C VAL A 18 -8.02 -4.16 -11.33
N ARG A 19 -6.98 -4.58 -12.04
CA ARG A 19 -5.62 -4.26 -11.62
C ARG A 19 -5.28 -2.81 -12.00
N PRO A 20 -4.31 -2.20 -11.35
CA PRO A 20 -3.82 -0.88 -11.75
C PRO A 20 -2.92 -1.01 -12.98
N GLU A 21 -2.92 0.03 -13.81
CA GLU A 21 -2.02 0.09 -14.96
C GLU A 21 -0.57 0.19 -14.51
N ASN A 22 0.34 -0.46 -15.25
CA ASN A 22 1.78 -0.41 -14.92
C ASN A 22 2.41 0.90 -15.41
N THR A 23 3.69 1.10 -15.05
CA THR A 23 4.45 2.35 -15.31
C THR A 23 4.43 2.75 -16.78
N LYS A 24 4.66 1.79 -17.66
CA LYS A 24 4.64 2.04 -19.10
C LYS A 24 3.25 2.39 -19.61
N GLU A 25 2.24 1.63 -19.17
CA GLU A 25 0.86 1.83 -19.63
C GLU A 25 0.34 3.26 -19.36
N LYS A 26 0.77 3.82 -18.23
CA LYS A 26 0.33 5.14 -17.76
C LYS A 26 0.98 6.25 -18.60
N ALA A 27 2.28 6.10 -18.86
CA ALA A 27 3.03 7.02 -19.70
C ALA A 27 2.33 7.19 -21.05
N ALA A 28 2.02 6.07 -21.71
CA ALA A 28 1.30 6.08 -22.98
C ALA A 28 -0.20 6.34 -22.80
N GLY A 29 -0.59 6.99 -21.70
CA GLY A 29 -1.96 7.07 -21.22
C GLY A 29 -3.14 6.99 -22.17
N PHE A 30 -3.40 5.77 -22.67
CA PHE A 30 -4.57 5.52 -23.53
C PHE A 30 -5.81 5.49 -22.63
N HIS A 31 -7.00 5.61 -23.23
CA HIS A 31 -8.26 5.60 -22.49
C HIS A 31 -8.46 4.30 -21.67
N LYS A 32 -9.06 4.43 -20.47
CA LYS A 32 -9.37 3.26 -19.61
C LYS A 32 -10.67 2.57 -20.06
N VAL A 33 -10.62 1.26 -20.26
CA VAL A 33 -11.78 0.49 -20.73
C VAL A 33 -12.74 0.05 -19.62
N VAL A 34 -12.29 0.09 -18.37
CA VAL A 34 -13.14 -0.26 -17.25
C VAL A 34 -13.20 0.88 -16.26
N HIS A 35 -14.42 1.28 -15.88
CA HIS A 35 -14.66 2.27 -14.83
C HIS A 35 -15.44 1.59 -13.71
N VAL A 36 -14.82 1.54 -12.51
CA VAL A 36 -15.47 1.04 -11.33
C VAL A 36 -16.29 2.19 -10.72
N VAL A 37 -17.62 2.01 -10.72
CA VAL A 37 -18.56 2.91 -10.06
C VAL A 37 -18.50 2.70 -8.54
N ASP A 38 -18.88 1.54 -8.05
CA ASP A 38 -18.83 1.25 -6.61
C ASP A 38 -18.55 -0.23 -6.27
N LYS A 39 -18.81 -0.63 -5.03
CA LYS A 39 -18.51 -2.00 -4.60
C LYS A 39 -19.08 -3.11 -5.48
N HIS A 40 -20.17 -2.83 -6.21
CA HIS A 40 -20.89 -3.85 -6.97
C HIS A 40 -20.97 -3.62 -8.49
N ILE A 41 -20.70 -2.40 -8.93
CA ILE A 41 -21.02 -1.98 -10.30
C ILE A 41 -19.77 -1.53 -11.00
N LEU A 42 -19.57 -2.02 -12.22
CA LEU A 42 -18.53 -1.45 -13.09
C LEU A 42 -19.10 -1.17 -14.47
N VAL A 43 -18.41 -0.37 -15.25
CA VAL A 43 -18.87 0.01 -16.56
C VAL A 43 -17.78 -0.34 -17.54
N PHE A 44 -18.08 -1.22 -18.50
CA PHE A 44 -17.13 -1.53 -19.56
C PHE A 44 -17.28 -0.59 -20.76
N ASP A 45 -16.16 -0.07 -21.25
CA ASP A 45 -16.16 0.94 -22.32
C ASP A 45 -16.84 2.25 -21.86
CA ASN A 69 -19.17 3.33 -27.04
C ASN A 69 -20.21 2.42 -26.40
N LYS A 70 -19.85 1.15 -26.19
CA LYS A 70 -20.81 0.16 -25.72
C LYS A 70 -21.41 0.44 -24.32
N ASP A 71 -20.66 1.22 -23.52
CA ASP A 71 -21.14 1.72 -22.21
C ASP A 71 -21.97 0.68 -21.48
N LEU A 72 -21.37 -0.48 -21.29
CA LEU A 72 -22.04 -1.62 -20.63
C LEU A 72 -21.90 -1.61 -19.09
N LYS A 73 -23.00 -1.72 -18.39
CA LYS A 73 -23.01 -1.72 -16.94
C LYS A 73 -23.11 -3.15 -16.51
N PHE A 74 -22.12 -3.60 -15.74
CA PHE A 74 -22.09 -4.94 -15.18
C PHE A 74 -22.27 -4.84 -13.66
N VAL A 75 -22.95 -5.83 -13.10
CA VAL A 75 -23.11 -5.92 -11.66
C VAL A 75 -22.50 -7.24 -11.19
N PHE A 76 -21.79 -7.18 -10.06
CA PHE A 76 -21.16 -8.35 -9.48
C PHE A 76 -21.28 -8.37 -7.95
N ASP A 77 -21.14 -9.54 -7.40
CA ASP A 77 -21.18 -9.76 -5.96
C ASP A 77 -20.20 -8.85 -5.24
N ALA A 78 -19.07 -8.57 -5.89
CA ALA A 78 -18.06 -7.63 -5.44
C ALA A 78 -17.15 -7.20 -6.60
N VAL A 79 -16.71 -5.95 -6.57
CA VAL A 79 -15.78 -5.39 -7.56
C VAL A 79 -14.67 -4.71 -6.76
N PHE A 80 -13.42 -5.08 -7.05
CA PHE A 80 -12.26 -4.58 -6.33
C PHE A 80 -11.54 -3.73 -7.32
N ASP A 81 -11.27 -2.48 -6.98
CA ASP A 81 -10.67 -1.56 -7.93
C ASP A 81 -9.16 -1.61 -7.86
N GLU A 82 -8.54 -0.68 -8.57
CA GLU A 82 -7.09 -0.56 -8.70
C GLU A 82 -6.38 -0.41 -7.38
N THR A 83 -7.06 0.07 -6.34
CA THR A 83 -6.43 0.27 -5.04
C THR A 83 -6.63 -0.91 -4.08
N SER A 84 -7.45 -1.87 -4.47
CA SER A 84 -7.70 -3.04 -3.62
C SER A 84 -6.44 -3.68 -3.09
N THR A 85 -6.44 -4.00 -1.80
CA THR A 85 -5.34 -4.75 -1.21
C THR A 85 -5.68 -6.23 -1.21
N GLN A 86 -4.65 -7.04 -1.03
CA GLN A 86 -4.81 -8.48 -0.90
C GLN A 86 -5.77 -8.82 0.21
N SER A 87 -5.69 -8.06 1.30
CA SER A 87 -6.57 -8.24 2.45
C SER A 87 -8.02 -8.03 2.10
N GLU A 88 -8.30 -6.96 1.37
CA GLU A 88 -9.67 -6.71 0.93
C GLU A 88 -10.21 -7.84 0.05
N VAL A 89 -9.37 -8.32 -0.88
CA VAL A 89 -9.77 -9.43 -1.73
C VAL A 89 -10.02 -10.67 -0.87
N PHE A 90 -9.06 -11.04 -0.03
CA PHE A 90 -9.22 -12.16 0.91
C PHE A 90 -10.51 -12.07 1.75
N GLU A 91 -10.81 -10.88 2.27
CA GLU A 91 -11.95 -10.67 3.18
C GLU A 91 -13.24 -10.91 2.49
N HIS A 92 -13.25 -10.70 1.18
CA HIS A 92 -14.47 -10.84 0.42
C HIS A 92 -14.51 -12.08 -0.45
N THR A 93 -13.55 -12.98 -0.27
CA THR A 93 -13.49 -14.22 -1.03
C THR A 93 -13.37 -15.46 -0.16
N THR A 94 -12.16 -15.85 0.24
CA THR A 94 -11.98 -17.09 0.94
C THR A 94 -12.23 -16.97 2.44
N LYS A 95 -12.13 -15.76 2.98
CA LYS A 95 -12.34 -15.60 4.42
C LYS A 95 -13.74 -16.07 4.84
N PRO A 96 -14.80 -15.60 4.21
CA PRO A 96 -16.12 -16.21 4.43
C PRO A 96 -16.27 -17.69 4.00
N ILE A 97 -15.62 -18.11 2.92
CA ILE A 97 -15.82 -19.49 2.45
C ILE A 97 -15.19 -20.46 3.41
N LEU A 98 -14.25 -19.99 4.22
CA LEU A 98 -13.56 -20.81 5.21
C LEU A 98 -14.56 -21.30 6.26
N ARG A 99 -15.58 -20.48 6.50
CA ARG A 99 -16.71 -20.83 7.41
C ARG A 99 -17.41 -22.11 6.92
N SER A 100 -17.64 -22.17 5.61
CA SER A 100 -18.15 -23.40 4.98
C SER A 100 -17.15 -24.58 5.05
N PHE A 101 -15.87 -24.33 4.78
CA PHE A 101 -14.85 -25.37 4.84
C PHE A 101 -14.79 -26.04 6.23
N LEU A 102 -14.86 -25.22 7.27
CA LEU A 102 -14.79 -25.75 8.64
C LEU A 102 -16.10 -26.40 9.09
N ASN A 103 -17.15 -26.28 8.30
CA ASN A 103 -18.35 -27.09 8.42
C ASN A 103 -18.38 -28.33 7.49
N GLY A 104 -17.23 -28.70 6.93
CA GLY A 104 -17.07 -29.89 6.11
C GLY A 104 -17.53 -29.79 4.67
N TYR A 105 -17.70 -28.58 4.10
CA TYR A 105 -18.08 -28.43 2.71
C TYR A 105 -16.85 -28.24 1.85
N ASN A 106 -16.79 -28.95 0.72
CA ASN A 106 -15.75 -28.66 -0.28
C ASN A 106 -15.91 -27.25 -0.77
N CYS A 107 -14.79 -26.59 -1.03
CA CYS A 107 -14.82 -25.23 -1.54
C CYS A 107 -13.84 -25.08 -2.68
N THR A 108 -14.16 -24.16 -3.57
CA THR A 108 -13.34 -23.92 -4.75
C THR A 108 -13.25 -22.44 -5.09
N VAL A 109 -12.05 -21.97 -5.33
CA VAL A 109 -11.85 -20.61 -5.83
C VAL A 109 -11.07 -20.66 -7.14
N LEU A 110 -11.63 -20.00 -8.15
CA LEU A 110 -11.11 -19.99 -9.52
C LEU A 110 -10.67 -18.58 -9.87
N ALA A 111 -9.39 -18.36 -10.08
CA ALA A 111 -8.84 -17.13 -10.65
C ALA A 111 -8.80 -17.28 -12.18
N TYR A 112 -9.64 -16.46 -12.84
CA TYR A 112 -9.92 -16.53 -14.30
C TYR A 112 -9.59 -15.20 -14.96
N GLY A 113 -8.95 -15.28 -16.13
CA GLY A 113 -8.77 -14.16 -17.03
C GLY A 113 -7.53 -14.17 -17.84
N ALA A 114 -7.38 -13.14 -18.65
CA ALA A 114 -6.37 -13.12 -19.68
C ALA A 114 -5.04 -12.92 -19.00
N THR A 115 -3.96 -13.31 -19.69
CA THR A 115 -2.61 -13.12 -19.24
C THR A 115 -2.32 -11.65 -19.01
N GLY A 116 -1.57 -11.38 -17.94
CA GLY A 116 -1.35 -10.04 -17.44
C GLY A 116 -2.49 -9.40 -16.65
N ALA A 117 -3.65 -10.01 -16.54
CA ALA A 117 -4.72 -9.33 -15.82
C ALA A 117 -4.63 -9.31 -14.27
N GLY A 118 -3.92 -10.26 -13.68
CA GLY A 118 -3.83 -10.35 -12.20
C GLY A 118 -4.02 -11.68 -11.48
N LYS A 119 -4.18 -12.79 -12.19
CA LYS A 119 -4.53 -14.06 -11.57
C LYS A 119 -3.46 -14.46 -10.56
N THR A 120 -2.21 -14.44 -11.00
CA THR A 120 -1.12 -14.84 -10.12
C THR A 120 -0.87 -13.92 -8.94
N HIS A 121 -0.98 -12.62 -9.15
CA HIS A 121 -0.75 -11.62 -8.11
C HIS A 121 -1.85 -11.86 -7.08
N THR A 122 -3.06 -12.10 -7.55
CA THR A 122 -4.18 -12.36 -6.66
C THR A 122 -3.98 -13.65 -5.85
N MET A 123 -3.57 -14.76 -6.48
CA MET A 123 -3.49 -16.06 -5.82
C MET A 123 -2.19 -16.23 -5.06
N LEU A 124 -1.10 -16.04 -5.74
CA LEU A 124 0.20 -16.18 -5.12
C LEU A 124 0.65 -14.84 -4.48
N GLY A 125 0.49 -13.71 -5.17
CA GLY A 125 0.97 -12.41 -4.69
C GLY A 125 2.44 -12.19 -5.00
N SER A 126 3.01 -11.15 -4.38
CA SER A 126 4.45 -10.85 -4.46
C SER A 126 5.10 -10.90 -3.08
N ALA A 127 6.42 -10.69 -3.06
CA ALA A 127 7.19 -10.68 -1.80
C ALA A 127 6.62 -9.69 -0.81
N ASP A 128 6.16 -8.55 -1.31
CA ASP A 128 5.55 -7.49 -0.49
C ASP A 128 4.10 -7.72 -0.14
N GLU A 129 3.36 -8.35 -1.06
CA GLU A 129 1.95 -8.58 -0.84
C GLU A 129 1.52 -10.05 -1.11
N PRO A 130 1.70 -10.92 -0.13
CA PRO A 130 1.19 -12.28 -0.22
C PRO A 130 -0.26 -12.32 -0.65
N GLY A 131 -0.60 -13.27 -1.52
CA GLY A 131 -1.96 -13.35 -2.04
C GLY A 131 -2.89 -14.25 -1.22
N VAL A 132 -3.98 -14.64 -1.87
CA VAL A 132 -5.11 -15.35 -1.28
C VAL A 132 -4.76 -16.74 -0.73
N MET A 133 -3.78 -17.45 -1.33
CA MET A 133 -3.41 -18.80 -0.88
C MET A 133 -2.78 -18.76 0.50
N TYR A 134 -1.77 -17.89 0.64
CA TYR A 134 -1.12 -17.63 1.91
C TYR A 134 -2.10 -17.10 2.98
N LEU A 135 -2.82 -16.01 2.67
CA LEU A 135 -3.82 -15.44 3.61
C LEU A 135 -4.81 -16.49 4.08
N THR A 136 -5.19 -17.39 3.16
CA THR A 136 -6.16 -18.42 3.48
C THR A 136 -5.59 -19.38 4.46
N MET A 137 -4.38 -19.83 4.16
CA MET A 137 -3.70 -20.78 5.01
C MET A 137 -3.48 -20.22 6.44
N LEU A 138 -3.00 -18.98 6.59
CA LEU A 138 -2.84 -18.38 7.94
C LEU A 138 -4.16 -18.31 8.65
N HIS A 139 -5.19 -17.80 7.99
CA HIS A 139 -6.49 -17.78 8.65
C HIS A 139 -7.01 -19.18 9.05
N LEU A 140 -6.85 -20.16 8.18
CA LEU A 140 -7.25 -21.52 8.54
C LEU A 140 -6.53 -21.95 9.82
N TYR A 141 -5.23 -21.72 9.89
CA TYR A 141 -4.48 -22.14 11.08
C TYR A 141 -5.04 -21.40 12.31
N LYS A 142 -5.28 -20.10 12.19
CA LYS A 142 -5.91 -19.33 13.30
C LYS A 142 -7.28 -19.88 13.72
N CYS A 143 -8.16 -20.15 12.76
CA CYS A 143 -9.46 -20.71 13.08
C CYS A 143 -9.36 -22.10 13.76
N MET A 144 -8.40 -22.93 13.36
CA MET A 144 -8.34 -24.29 13.94
C MET A 144 -7.94 -24.18 15.43
N ASP A 145 -6.98 -23.32 15.72
CA ASP A 145 -6.58 -23.01 17.11
C ASP A 145 -7.73 -22.49 17.96
N GLU A 146 -8.55 -21.59 17.41
CA GLU A 146 -9.66 -20.99 18.13
C GLU A 146 -10.77 -21.99 18.52
N ILE A 147 -10.94 -23.08 17.78
CA ILE A 147 -12.05 -24.00 18.00
C ILE A 147 -11.65 -25.35 18.63
N LYS A 148 -10.47 -25.41 19.23
CA LYS A 148 -9.89 -26.67 19.68
C LYS A 148 -10.62 -27.31 20.85
N GLU A 149 -11.48 -26.55 21.53
CA GLU A 149 -12.38 -27.07 22.55
C GLU A 149 -13.63 -27.73 21.95
N GLU A 150 -13.90 -27.48 20.68
CA GLU A 150 -15.03 -28.12 20.03
C GLU A 150 -14.63 -29.19 18.98
N LYS A 151 -13.42 -29.14 18.46
CA LYS A 151 -13.05 -30.07 17.41
C LYS A 151 -11.56 -30.31 17.26
N ILE A 152 -11.27 -31.51 16.82
CA ILE A 152 -9.95 -32.07 16.65
C ILE A 152 -9.77 -31.94 15.16
N CYS A 153 -8.69 -31.25 14.75
CA CYS A 153 -8.41 -30.97 13.37
C CYS A 153 -7.00 -31.35 12.99
N SER A 154 -6.83 -31.68 11.70
CA SER A 154 -5.53 -31.80 11.07
C SER A 154 -5.69 -31.51 9.57
N THR A 155 -4.62 -31.04 8.96
CA THR A 155 -4.66 -30.65 7.58
C THR A 155 -3.36 -30.99 6.86
N ALA A 156 -3.47 -30.99 5.55
CA ALA A 156 -2.32 -31.11 4.65
C ALA A 156 -2.71 -30.37 3.37
N VAL A 157 -1.72 -30.09 2.54
CA VAL A 157 -1.93 -29.38 1.28
C VAL A 157 -1.19 -30.12 0.16
N SER A 158 -1.64 -29.93 -1.07
CA SER A 158 -0.86 -30.32 -2.23
C SER A 158 -0.88 -29.15 -3.24
N TYR A 159 0.02 -29.23 -4.21
CA TYR A 159 0.11 -28.23 -5.26
C TYR A 159 0.44 -28.90 -6.58
N LEU A 160 -0.46 -28.87 -7.55
CA LEU A 160 -0.23 -29.50 -8.86
C LEU A 160 -0.58 -28.57 -9.98
N GLU A 161 -0.07 -28.91 -11.17
CA GLU A 161 -0.36 -28.23 -12.44
C GLU A 161 -1.10 -29.15 -13.36
N VAL A 162 -2.01 -28.55 -14.13
CA VAL A 162 -2.55 -29.16 -15.34
C VAL A 162 -2.02 -28.35 -16.51
N TYR A 163 -1.13 -28.95 -17.32
CA TYR A 163 -0.69 -28.37 -18.59
C TYR A 163 -0.80 -29.43 -19.70
N ASN A 164 -1.58 -29.13 -20.74
CA ASN A 164 -1.73 -30.04 -21.90
C ASN A 164 -2.32 -31.38 -21.48
N GLU A 165 -3.40 -31.30 -20.69
CA GLU A 165 -4.11 -32.43 -20.14
C GLU A 165 -3.25 -33.39 -19.30
N GLN A 166 -2.05 -32.96 -18.95
CA GLN A 166 -1.16 -33.64 -18.04
C GLN A 166 -1.09 -33.00 -16.62
N ILE A 167 -1.29 -33.84 -15.61
CA ILE A 167 -1.22 -33.45 -14.21
C ILE A 167 0.16 -33.66 -13.70
N ARG A 168 0.81 -32.57 -13.28
CA ARG A 168 2.09 -32.70 -12.61
C ARG A 168 2.06 -32.15 -11.19
N ASP A 169 2.60 -32.98 -10.31
CA ASP A 169 2.97 -32.56 -8.99
C ASP A 169 4.00 -31.44 -9.06
N LEU A 170 3.63 -30.30 -8.49
CA LEU A 170 4.46 -29.11 -8.47
C LEU A 170 5.54 -29.09 -7.41
N LEU A 171 5.54 -30.06 -6.52
CA LEU A 171 6.42 -30.01 -5.37
C LEU A 171 7.45 -31.14 -5.34
N VAL A 172 7.35 -32.08 -6.24
CA VAL A 172 8.27 -33.20 -6.31
C VAL A 172 8.26 -33.55 -7.80
N ASN A 173 9.42 -33.85 -8.35
CA ASN A 173 9.57 -34.14 -9.77
C ASN A 173 9.11 -35.55 -10.14
N SER A 174 7.89 -35.67 -10.66
CA SER A 174 7.32 -36.97 -10.97
C SER A 174 6.62 -36.95 -12.31
N GLY A 175 6.39 -38.12 -12.87
CA GLY A 175 5.68 -38.18 -14.13
C GLY A 175 4.21 -37.86 -13.92
N PRO A 176 3.49 -37.60 -15.00
CA PRO A 176 2.07 -37.25 -14.93
C PRO A 176 1.30 -38.26 -14.11
N LEU A 177 0.22 -37.79 -13.47
CA LEU A 177 -0.55 -38.51 -12.47
C LEU A 177 -1.96 -38.70 -12.98
N ALA A 178 -2.67 -39.67 -12.45
CA ALA A 178 -4.01 -39.94 -12.97
C ALA A 178 -4.99 -39.69 -11.89
N VAL A 179 -6.22 -39.43 -12.31
CA VAL A 179 -7.32 -39.11 -11.43
C VAL A 179 -8.15 -40.35 -11.17
N ARG A 180 -8.27 -40.71 -9.88
CA ARG A 180 -9.06 -41.84 -9.40
C ARG A 180 -10.19 -41.35 -8.49
N GLU A 181 -11.05 -42.27 -8.06
CA GLU A 181 -12.13 -41.93 -7.14
C GLU A 181 -12.27 -42.95 -5.99
N ASP A 182 -12.39 -42.44 -4.77
CA ASP A 182 -12.58 -43.33 -3.63
C ASP A 182 -14.03 -43.81 -3.60
N THR A 183 -14.36 -44.56 -2.56
CA THR A 183 -15.68 -45.17 -2.41
C THR A 183 -16.75 -44.11 -2.21
N GLN A 184 -16.43 -43.08 -1.41
CA GLN A 184 -17.35 -41.96 -1.16
C GLN A 184 -17.34 -40.87 -2.26
N LYS A 185 -16.92 -41.23 -3.49
CA LYS A 185 -16.86 -40.30 -4.63
C LYS A 185 -15.96 -39.04 -4.40
N GLY A 186 -14.98 -39.18 -3.52
CA GLY A 186 -13.85 -38.26 -3.45
C GLY A 186 -12.88 -38.53 -4.60
N VAL A 187 -12.46 -37.44 -5.24
CA VAL A 187 -11.51 -37.48 -6.33
C VAL A 187 -10.15 -37.50 -5.68
N VAL A 188 -9.32 -38.45 -6.11
CA VAL A 188 -7.95 -38.58 -5.66
C VAL A 188 -7.01 -38.45 -6.86
N VAL A 189 -5.86 -37.84 -6.66
CA VAL A 189 -4.82 -37.84 -7.68
C VAL A 189 -3.74 -38.80 -7.19
N HIS A 190 -3.76 -40.01 -7.72
CA HIS A 190 -2.82 -41.08 -7.33
C HIS A 190 -1.37 -40.65 -7.59
N GLY A 191 -0.57 -40.70 -6.53
CA GLY A 191 0.82 -40.27 -6.59
C GLY A 191 1.14 -38.84 -6.16
N LEU A 192 0.12 -38.01 -5.95
CA LEU A 192 0.34 -36.58 -5.58
C LEU A 192 0.87 -36.50 -4.16
N THR A 193 1.89 -35.69 -3.94
CA THR A 193 2.44 -35.57 -2.62
C THR A 193 1.62 -34.61 -1.75
N LEU A 194 1.65 -34.86 -0.45
CA LEU A 194 0.94 -34.08 0.54
C LEU A 194 1.95 -33.46 1.48
N HIS A 195 1.63 -32.26 1.98
CA HIS A 195 2.61 -31.47 2.74
C HIS A 195 1.91 -30.75 3.93
N GLN A 196 2.70 -30.44 4.93
CA GLN A 196 2.22 -29.81 6.14
C GLN A 196 3.11 -28.65 6.54
N PRO A 197 3.12 -27.56 5.77
CA PRO A 197 3.92 -26.40 6.17
C PRO A 197 3.23 -25.81 7.45
N LYS A 198 3.96 -25.68 8.53
CA LYS A 198 3.35 -25.25 9.80
C LYS A 198 3.36 -23.71 9.86
N SER A 199 4.48 -23.09 9.50
CA SER A 199 4.72 -21.66 9.74
C SER A 199 4.44 -20.83 8.50
N SER A 200 4.26 -19.52 8.72
CA SER A 200 4.19 -18.52 7.65
C SER A 200 5.26 -18.71 6.59
N GLU A 201 6.53 -18.85 6.99
CA GLU A 201 7.64 -18.99 6.03
C GLU A 201 7.60 -20.29 5.23
N GLU A 202 7.26 -21.39 5.88
CA GLU A 202 7.11 -22.67 5.17
C GLU A 202 5.97 -22.60 4.15
N ILE A 203 4.88 -21.94 4.49
CA ILE A 203 3.78 -21.73 3.56
C ILE A 203 4.25 -20.94 2.35
N LEU A 204 4.86 -19.80 2.59
CA LEU A 204 5.46 -19.01 1.50
C LEU A 204 6.47 -19.79 0.67
N HIS A 205 7.34 -20.54 1.32
CA HIS A 205 8.39 -21.23 0.59
C HIS A 205 7.70 -22.29 -0.30
N LEU A 206 6.77 -23.05 0.25
CA LEU A 206 6.12 -24.11 -0.53
C LEU A 206 5.44 -23.53 -1.80
N LEU A 207 4.76 -22.41 -1.65
CA LEU A 207 3.98 -21.86 -2.75
C LEU A 207 4.92 -21.27 -3.85
N ASP A 208 6.01 -20.70 -3.40
CA ASP A 208 7.03 -20.16 -4.29
C ASP A 208 7.70 -21.28 -5.13
N ASN A 209 8.06 -22.39 -4.46
CA ASN A 209 8.65 -23.54 -5.14
C ASN A 209 7.70 -24.10 -6.13
N GLY A 210 6.44 -24.17 -5.74
CA GLY A 210 5.45 -24.76 -6.62
C GLY A 210 5.26 -23.92 -7.85
N ASN A 211 5.23 -22.60 -7.65
CA ASN A 211 5.02 -21.66 -8.75
C ASN A 211 6.23 -21.72 -9.71
N LYS A 212 7.46 -21.79 -9.21
CA LYS A 212 8.64 -21.92 -10.09
C LYS A 212 8.67 -23.20 -10.93
N ASN A 213 7.95 -24.27 -10.55
CA ASN A 213 7.92 -25.54 -11.30
C ASN A 213 6.76 -25.64 -12.28
N ARG A 214 5.98 -24.58 -12.42
CA ARG A 214 4.99 -24.52 -13.49
C ARG A 214 5.72 -24.56 -14.87
N THR A 215 5.10 -25.13 -15.90
CA THR A 215 5.75 -25.26 -17.22
C THR A 215 6.14 -23.87 -17.72
N GLN A 216 7.40 -23.69 -18.08
CA GLN A 216 7.92 -22.38 -18.54
C GLN A 216 7.38 -22.00 -19.94
N HIS A 217 7.45 -20.70 -20.26
CA HIS A 217 6.87 -20.13 -21.50
C HIS A 217 7.50 -20.65 -22.81
N ALA A 223 9.83 -16.83 -17.74
CA ALA A 223 8.42 -16.61 -17.42
C ALA A 223 7.63 -17.94 -17.47
N THR A 224 6.36 -17.94 -17.02
CA THR A 224 5.55 -19.17 -16.90
C THR A 224 4.62 -19.29 -18.08
N SER A 225 4.51 -20.47 -18.67
CA SER A 225 3.49 -20.69 -19.71
C SER A 225 2.10 -20.14 -19.35
N SER A 226 1.48 -19.48 -20.32
CA SER A 226 0.15 -18.97 -20.18
C SER A 226 -0.93 -20.06 -20.10
N ARG A 227 -0.55 -21.30 -20.37
CA ARG A 227 -1.50 -22.39 -20.47
C ARG A 227 -1.37 -23.35 -19.25
N SER A 228 -0.56 -22.94 -18.27
CA SER A 228 -0.47 -23.64 -17.01
C SER A 228 -1.60 -23.25 -16.05
N HIS A 229 -2.44 -24.23 -15.73
CA HIS A 229 -3.35 -24.17 -14.61
C HIS A 229 -2.63 -24.64 -13.37
N ALA A 230 -2.62 -23.85 -12.31
CA ALA A 230 -2.06 -24.28 -11.05
C ALA A 230 -3.15 -24.44 -9.97
N VAL A 231 -3.14 -25.61 -9.34
CA VAL A 231 -4.16 -26.06 -8.41
C VAL A 231 -3.58 -26.38 -7.01
N PHE A 232 -3.75 -25.45 -6.07
CA PHE A 232 -3.34 -25.57 -4.67
C PHE A 232 -4.53 -26.09 -3.90
N GLN A 233 -4.39 -27.23 -3.23
CA GLN A 233 -5.50 -27.80 -2.49
C GLN A 233 -5.15 -28.03 -1.01
N ILE A 234 -6.15 -27.86 -0.17
CA ILE A 234 -6.02 -28.00 1.28
C ILE A 234 -6.99 -29.09 1.73
N TYR A 235 -6.50 -30.05 2.50
CA TYR A 235 -7.32 -31.14 3.01
C TYR A 235 -7.48 -30.97 4.54
N LEU A 236 -8.72 -30.98 4.96
CA LEU A 236 -9.09 -30.80 6.34
C LEU A 236 -9.76 -32.05 6.87
N ARG A 237 -9.16 -32.64 7.89
CA ARG A 237 -9.84 -33.64 8.66
C ARG A 237 -10.30 -33.02 9.97
N GLN A 238 -11.60 -33.05 10.22
CA GLN A 238 -12.14 -32.50 11.43
C GLN A 238 -13.12 -33.48 12.10
N GLN A 239 -13.08 -33.57 13.42
CA GLN A 239 -13.99 -34.44 14.20
C GLN A 239 -14.39 -33.76 15.52
N ASP A 240 -15.49 -34.20 16.10
CA ASP A 240 -15.93 -33.80 17.46
C ASP A 240 -14.93 -34.23 18.53
N LYS A 241 -14.89 -33.45 19.61
CA LYS A 241 -14.06 -33.73 20.80
C LYS A 241 -14.17 -35.16 21.28
N THR A 242 -15.39 -35.66 21.28
CA THR A 242 -15.70 -36.95 21.92
C THR A 242 -15.70 -38.14 20.96
N ALA A 243 -15.50 -37.93 19.67
CA ALA A 243 -15.37 -39.09 18.75
C ALA A 243 -14.02 -39.79 18.96
N SER A 244 -13.95 -41.07 18.61
CA SER A 244 -12.69 -41.79 18.68
C SER A 244 -11.72 -41.30 17.60
N ILE A 245 -10.43 -41.42 17.91
CA ILE A 245 -9.37 -40.86 17.08
C ILE A 245 -9.29 -41.45 15.65
N ASN A 246 -10.01 -42.54 15.39
CA ASN A 246 -10.00 -43.16 14.06
C ASN A 246 -11.40 -43.29 13.48
N GLN A 247 -12.33 -42.45 13.94
CA GLN A 247 -13.66 -42.36 13.34
C GLN A 247 -13.43 -42.08 11.89
N ASN A 248 -14.18 -42.74 10.99
CA ASN A 248 -14.09 -42.48 9.55
C ASN A 248 -14.81 -41.16 9.26
N VAL A 249 -14.03 -40.16 8.85
CA VAL A 249 -14.54 -38.83 8.59
C VAL A 249 -14.24 -38.42 7.14
N ARG A 250 -15.22 -37.85 6.47
CA ARG A 250 -14.97 -37.32 5.15
C ARG A 250 -13.98 -36.14 5.27
N ILE A 251 -12.91 -36.23 4.50
CA ILE A 251 -11.96 -35.17 4.28
C ILE A 251 -12.58 -34.04 3.42
N ALA A 252 -12.49 -32.83 3.93
CA ALA A 252 -12.99 -31.68 3.19
C ALA A 252 -11.82 -31.04 2.42
N LYS A 253 -12.16 -30.48 1.28
CA LYS A 253 -11.16 -30.08 0.29
C LYS A 253 -11.44 -28.68 -0.16
N MET A 254 -10.44 -27.82 -0.09
CA MET A 254 -10.55 -26.50 -0.69
C MET A 254 -9.57 -26.38 -1.84
N SER A 255 -10.07 -26.02 -3.02
CA SER A 255 -9.20 -25.87 -4.16
C SER A 255 -9.06 -24.41 -4.54
N LEU A 256 -7.83 -23.97 -4.63
CA LEU A 256 -7.52 -22.59 -5.01
C LEU A 256 -6.72 -22.61 -6.30
N ILE A 257 -7.28 -22.05 -7.35
CA ILE A 257 -6.87 -22.35 -8.70
C ILE A 257 -6.52 -21.12 -9.52
N ASP A 258 -5.27 -21.02 -9.91
CA ASP A 258 -4.76 -20.05 -10.85
C ASP A 258 -4.86 -20.67 -12.29
N LEU A 259 -5.94 -20.35 -12.98
CA LEU A 259 -6.25 -20.89 -14.29
C LEU A 259 -5.30 -20.42 -15.39
N ALA A 260 -5.18 -21.27 -16.41
CA ALA A 260 -4.58 -20.82 -17.68
C ALA A 260 -5.22 -19.53 -18.22
N GLY A 261 -4.45 -18.74 -18.97
CA GLY A 261 -4.98 -17.54 -19.58
C GLY A 261 -6.14 -17.74 -20.51
N SER A 262 -7.19 -16.94 -20.39
CA SER A 262 -8.27 -17.06 -21.34
C SER A 262 -8.10 -16.24 -22.67
N GLU A 263 -6.94 -15.63 -22.92
CA GLU A 263 -6.76 -14.84 -24.16
C GLU A 263 -6.89 -15.76 -25.34
N ARG A 264 -7.54 -15.31 -26.42
CA ARG A 264 -7.68 -16.18 -27.64
C ARG A 264 -6.34 -16.53 -28.31
N ASN A 282 -5.34 -26.43 -24.62
CA ASN A 282 -6.42 -25.84 -23.83
C ASN A 282 -7.81 -26.49 -23.82
N ARG A 283 -7.85 -27.82 -23.85
CA ARG A 283 -9.11 -28.55 -23.61
C ARG A 283 -9.67 -28.29 -22.20
N SER A 284 -8.78 -28.17 -21.22
CA SER A 284 -9.21 -27.96 -19.82
C SER A 284 -9.95 -26.65 -19.59
N LEU A 285 -9.41 -25.56 -20.10
CA LEU A 285 -10.05 -24.27 -19.86
C LEU A 285 -11.45 -24.27 -20.44
N LEU A 286 -11.60 -24.75 -21.67
CA LEU A 286 -12.93 -24.71 -22.34
C LEU A 286 -13.95 -25.65 -21.73
N ALA A 287 -13.49 -26.86 -21.41
CA ALA A 287 -14.26 -27.81 -20.60
C ALA A 287 -14.79 -27.16 -19.30
N LEU A 288 -13.94 -26.38 -18.63
CA LEU A 288 -14.36 -25.66 -17.43
C LEU A 288 -15.58 -24.84 -17.74
N GLY A 289 -15.53 -24.12 -18.86
CA GLY A 289 -16.65 -23.28 -19.28
C GLY A 289 -17.91 -24.08 -19.61
N ASN A 290 -17.77 -25.22 -20.30
CA ASN A 290 -18.86 -26.15 -20.58
C ASN A 290 -19.56 -26.53 -19.26
N VAL A 291 -18.76 -26.90 -18.26
CA VAL A 291 -19.28 -27.24 -16.92
C VAL A 291 -20.01 -26.07 -16.24
N ILE A 292 -19.45 -24.88 -16.35
CA ILE A 292 -20.04 -23.72 -15.71
C ILE A 292 -21.38 -23.31 -16.31
N ASN A 293 -21.46 -23.26 -17.64
CA ASN A 293 -22.72 -23.05 -18.37
C ASN A 293 -23.72 -24.13 -17.93
N ALA A 294 -23.32 -25.38 -18.15
CA ALA A 294 -24.12 -26.54 -17.75
C ALA A 294 -24.80 -26.31 -16.41
N LEU A 295 -24.01 -26.03 -15.37
CA LEU A 295 -24.51 -25.94 -14.00
C LEU A 295 -25.66 -24.97 -13.93
N ALA A 296 -25.37 -23.68 -14.11
CA ALA A 296 -26.40 -22.68 -14.40
C ALA A 296 -27.45 -23.23 -15.39
N ILE A 305 -23.45 -33.28 -16.43
CA ILE A 305 -22.37 -32.30 -16.38
C ILE A 305 -21.10 -32.91 -16.97
N PRO A 306 -20.53 -32.22 -17.96
CA PRO A 306 -19.38 -32.74 -18.71
C PRO A 306 -18.01 -32.73 -18.03
N TYR A 307 -17.95 -33.18 -16.77
CA TYR A 307 -16.71 -33.24 -16.00
C TYR A 307 -15.62 -34.07 -16.65
N ARG A 308 -16.02 -35.12 -17.37
CA ARG A 308 -15.06 -36.04 -17.96
C ARG A 308 -14.32 -35.47 -19.19
N ASN A 309 -14.86 -34.42 -19.83
CA ASN A 309 -14.23 -33.83 -21.06
C ASN A 309 -12.78 -33.40 -20.92
N SER A 310 -12.30 -33.25 -19.69
CA SER A 310 -10.94 -32.74 -19.47
C SER A 310 -10.35 -33.17 -18.13
N LYS A 311 -9.05 -33.10 -18.07
CA LYS A 311 -8.35 -33.45 -16.86
C LYS A 311 -8.70 -32.50 -15.68
N LEU A 312 -8.78 -31.20 -15.96
CA LEU A 312 -9.09 -30.18 -14.97
C LEU A 312 -10.46 -30.43 -14.42
N THR A 313 -11.46 -30.61 -15.29
CA THR A 313 -12.82 -30.75 -14.79
C THR A 313 -13.03 -32.08 -14.08
N ARG A 314 -12.21 -33.09 -14.41
CA ARG A 314 -12.32 -34.38 -13.76
C ARG A 314 -11.88 -34.17 -12.32
N LEU A 315 -10.71 -33.57 -12.20
CA LEU A 315 -10.14 -33.06 -10.97
C LEU A 315 -11.16 -32.40 -10.06
N LEU A 316 -12.05 -31.59 -10.61
CA LEU A 316 -12.98 -30.79 -9.81
C LEU A 316 -14.39 -31.38 -9.74
N LYS A 317 -14.51 -32.66 -10.08
CA LYS A 317 -15.80 -33.33 -10.21
C LYS A 317 -16.51 -33.23 -8.89
N ASP A 318 -15.75 -33.32 -7.81
CA ASP A 318 -16.30 -33.23 -6.42
C ASP A 318 -16.20 -31.83 -5.79
N SER A 319 -15.81 -30.82 -6.57
CA SER A 319 -15.46 -29.48 -6.05
C SER A 319 -16.17 -28.31 -6.74
N LEU A 320 -17.02 -28.58 -7.72
CA LEU A 320 -17.86 -27.56 -8.37
C LEU A 320 -19.34 -27.90 -8.23
N GLY A 321 -19.61 -29.20 -8.29
CA GLY A 321 -20.95 -29.76 -8.19
C GLY A 321 -21.72 -29.22 -7.02
N GLY A 322 -23.02 -28.96 -7.26
CA GLY A 322 -23.91 -28.40 -6.27
C GLY A 322 -23.69 -29.01 -4.90
N ASN A 323 -23.77 -28.17 -3.87
CA ASN A 323 -23.25 -28.46 -2.53
C ASN A 323 -22.10 -27.50 -2.28
N CYS A 324 -21.03 -27.67 -3.05
CA CYS A 324 -19.80 -26.88 -2.89
C CYS A 324 -20.05 -25.37 -2.87
N GLN A 325 -19.19 -24.66 -2.14
CA GLN A 325 -19.18 -23.21 -2.16
C GLN A 325 -18.05 -22.83 -3.10
N THR A 326 -18.41 -22.10 -4.13
CA THR A 326 -17.51 -21.79 -5.22
C THR A 326 -17.48 -20.29 -5.44
N ILE A 327 -16.32 -19.78 -5.83
CA ILE A 327 -16.22 -18.43 -6.22
C ILE A 327 -15.26 -18.31 -7.37
N MET A 328 -15.59 -17.36 -8.26
CA MET A 328 -14.74 -16.92 -9.35
C MET A 328 -14.27 -15.48 -9.10
N ILE A 329 -12.96 -15.28 -9.18
CA ILE A 329 -12.34 -13.99 -9.24
C ILE A 329 -11.88 -13.76 -10.66
N ALA A 330 -12.70 -13.07 -11.45
CA ALA A 330 -12.32 -12.61 -12.79
C ALA A 330 -11.35 -11.44 -12.72
N ALA A 331 -10.10 -11.67 -13.08
CA ALA A 331 -9.10 -10.63 -13.23
C ALA A 331 -9.19 -9.92 -14.61
N VAL A 332 -9.11 -8.58 -14.62
CA VAL A 332 -9.14 -7.75 -15.85
C VAL A 332 -8.18 -6.56 -15.84
N SER A 333 -7.45 -6.39 -16.95
CA SER A 333 -6.65 -5.20 -17.25
C SER A 333 -7.58 -4.08 -17.72
N PRO A 334 -7.44 -2.89 -17.13
CA PRO A 334 -8.28 -1.77 -17.49
C PRO A 334 -7.87 -1.04 -18.77
N SER A 335 -6.69 -1.29 -19.31
CA SER A 335 -6.19 -0.53 -20.45
C SER A 335 -6.94 -0.89 -21.74
N SER A 336 -7.13 0.11 -22.61
CA SER A 336 -7.80 -0.10 -23.90
C SER A 336 -7.03 -1.00 -24.86
N VAL A 337 -5.74 -1.18 -24.66
CA VAL A 337 -4.99 -2.19 -25.40
C VAL A 337 -5.47 -3.64 -25.09
N PHE A 338 -6.30 -3.82 -24.05
CA PHE A 338 -6.75 -5.16 -23.67
C PHE A 338 -8.26 -5.25 -23.79
N TYR A 339 -8.80 -4.45 -24.71
CA TYR A 339 -10.24 -4.32 -24.92
C TYR A 339 -10.97 -5.66 -25.00
N ASP A 340 -10.48 -6.49 -25.90
CA ASP A 340 -11.12 -7.74 -26.23
C ASP A 340 -11.05 -8.78 -25.13
N ASP A 341 -9.85 -8.98 -24.59
CA ASP A 341 -9.60 -9.74 -23.37
C ASP A 341 -10.59 -9.41 -22.27
N THR A 342 -10.73 -8.14 -21.95
CA THR A 342 -11.55 -7.70 -20.83
C THR A 342 -13.02 -7.87 -21.09
N TYR A 343 -13.43 -7.55 -22.31
CA TYR A 343 -14.80 -7.74 -22.73
C TYR A 343 -15.22 -9.21 -22.62
N ASN A 344 -14.35 -10.11 -23.04
CA ASN A 344 -14.67 -11.54 -22.99
C ASN A 344 -14.73 -12.06 -21.57
N THR A 345 -13.73 -11.71 -20.76
CA THR A 345 -13.70 -12.05 -19.33
C THR A 345 -14.94 -11.54 -18.56
N LEU A 346 -15.28 -10.30 -18.80
CA LEU A 346 -16.48 -9.74 -18.19
C LEU A 346 -17.75 -10.48 -18.59
N LYS A 347 -17.86 -10.87 -19.87
CA LYS A 347 -19.03 -11.64 -20.33
C LYS A 347 -19.08 -13.04 -19.72
N TYR A 348 -17.91 -13.66 -19.63
CA TYR A 348 -17.76 -14.97 -19.02
C TYR A 348 -18.21 -14.97 -17.54
N ALA A 349 -17.78 -13.94 -16.82
CA ALA A 349 -18.05 -13.82 -15.41
C ALA A 349 -19.54 -13.58 -15.18
N ASN A 350 -20.12 -12.85 -16.11
CA ASN A 350 -21.52 -12.53 -16.07
C ASN A 350 -22.35 -13.80 -16.35
N ARG A 351 -21.82 -14.68 -17.20
CA ARG A 351 -22.39 -16.00 -17.45
C ARG A 351 -22.40 -16.91 -16.21
N ALA A 352 -21.34 -16.85 -15.41
CA ALA A 352 -21.15 -17.75 -14.26
C ALA A 352 -22.16 -17.59 -13.12
N LYS A 353 -22.89 -16.48 -13.11
CA LYS A 353 -23.97 -16.24 -12.16
C LYS A 353 -25.31 -16.81 -12.64
N HIS B 10 15.00 8.02 -4.23
CA HIS B 10 14.18 6.96 -3.52
C HIS B 10 14.48 6.70 -2.01
N HIS B 11 15.68 7.02 -1.51
CA HIS B 11 15.86 7.03 -0.03
C HIS B 11 15.33 8.34 0.56
N MET B 12 14.88 8.27 1.79
CA MET B 12 14.55 9.46 2.59
C MET B 12 15.80 9.96 3.27
N LYS B 13 16.26 11.15 2.86
CA LYS B 13 17.34 11.83 3.54
C LYS B 13 16.88 12.22 4.97
N VAL B 14 17.71 11.95 5.97
CA VAL B 14 17.27 12.15 7.33
C VAL B 14 18.30 13.08 7.98
N VAL B 15 17.85 14.24 8.44
CA VAL B 15 18.67 15.17 9.15
C VAL B 15 18.13 15.48 10.52
N VAL B 16 19.01 15.85 11.43
CA VAL B 16 18.65 16.15 12.77
C VAL B 16 19.12 17.55 13.08
N ARG B 17 18.27 18.33 13.76
CA ARG B 17 18.63 19.68 14.19
C ARG B 17 18.45 19.83 15.68
N VAL B 18 19.56 20.13 16.34
CA VAL B 18 19.66 20.27 17.78
C VAL B 18 19.64 21.74 18.07
N ARG B 19 18.58 22.19 18.74
CA ARG B 19 18.44 23.59 19.07
C ARG B 19 19.32 24.03 20.23
N PRO B 20 19.60 25.33 20.35
CA PRO B 20 20.29 25.86 21.52
C PRO B 20 19.38 25.85 22.72
N GLU B 21 20.01 25.88 23.88
CA GLU B 21 19.28 25.94 25.09
C GLU B 21 18.82 27.36 25.29
N ASN B 22 17.62 27.56 25.82
CA ASN B 22 17.12 28.90 26.11
C ASN B 22 17.75 29.44 27.44
N THR B 23 17.31 30.62 27.89
CA THR B 23 17.87 31.25 29.10
C THR B 23 17.58 30.49 30.42
N LYS B 24 16.30 30.25 30.74
CA LYS B 24 15.91 29.33 31.83
C LYS B 24 16.21 27.88 31.47
N GLU B 25 17.47 27.51 31.47
CA GLU B 25 17.87 26.18 30.98
C GLU B 25 19.37 26.13 31.15
N LYS B 26 20.04 27.13 30.61
CA LYS B 26 21.40 27.42 30.97
C LYS B 26 21.43 27.77 32.47
N ALA B 27 20.48 28.61 32.90
CA ALA B 27 20.27 28.95 34.31
C ALA B 27 20.20 27.72 35.21
N ALA B 28 19.17 26.91 35.02
CA ALA B 28 19.11 25.60 35.65
C ALA B 28 19.99 24.70 34.77
N GLY B 29 21.28 24.65 35.09
CA GLY B 29 22.27 24.03 34.21
C GLY B 29 22.42 22.50 34.36
N PHE B 30 21.32 21.75 34.18
CA PHE B 30 21.40 20.30 34.04
C PHE B 30 22.15 19.95 32.75
N HIS B 31 22.93 18.88 32.76
CA HIS B 31 23.74 18.47 31.61
C HIS B 31 22.94 18.16 30.34
N LYS B 32 23.56 18.32 29.19
CA LYS B 32 22.87 18.05 27.93
C LYS B 32 23.18 16.64 27.51
N VAL B 33 22.17 15.95 26.95
CA VAL B 33 22.28 14.55 26.50
C VAL B 33 22.32 14.39 24.96
N VAL B 34 22.58 15.48 24.26
CA VAL B 34 22.84 15.42 22.84
C VAL B 34 24.10 16.26 22.61
N HIS B 35 25.15 15.65 22.03
CA HIS B 35 26.43 16.31 21.71
C HIS B 35 26.70 16.02 20.24
N VAL B 36 26.80 17.07 19.46
CA VAL B 36 27.12 16.93 18.08
C VAL B 36 28.62 16.70 17.94
N VAL B 37 29.00 15.70 17.17
CA VAL B 37 30.41 15.36 16.95
C VAL B 37 30.86 16.01 15.66
N ASP B 38 30.23 15.66 14.55
CA ASP B 38 30.52 16.39 13.31
C ASP B 38 29.26 16.48 12.46
N LYS B 39 29.45 16.62 11.15
CA LYS B 39 28.37 16.94 10.25
C LYS B 39 27.37 15.80 10.04
N HIS B 40 27.74 14.56 10.40
CA HIS B 40 26.88 13.39 10.22
C HIS B 40 26.53 12.66 11.50
N ILE B 41 27.18 13.00 12.61
CA ILE B 41 27.21 12.15 13.79
C ILE B 41 26.88 12.94 15.02
N LEU B 42 26.08 12.35 15.91
CA LEU B 42 25.92 12.86 17.27
C LEU B 42 25.89 11.71 18.21
N VAL B 43 26.01 12.03 19.49
CA VAL B 43 25.99 11.04 20.55
C VAL B 43 24.90 11.43 21.52
N PHE B 44 24.05 10.45 21.85
CA PHE B 44 23.00 10.61 22.81
C PHE B 44 23.42 9.99 24.14
N ASP B 45 23.17 10.71 25.23
CA ASP B 45 23.55 10.30 26.55
C ASP B 45 25.08 10.04 26.63
N GLN B 68 24.00 3.33 33.95
CA GLN B 68 25.11 3.85 33.16
C GLN B 68 24.60 4.58 31.90
N ASN B 69 25.44 5.43 31.32
CA ASN B 69 25.06 6.22 30.17
C ASN B 69 25.09 5.42 28.86
N LYS B 70 24.08 5.63 28.01
CA LYS B 70 23.89 4.79 26.83
C LYS B 70 25.06 4.97 25.90
N ASP B 71 25.54 6.21 25.84
CA ASP B 71 26.70 6.57 25.06
C ASP B 71 26.52 6.01 23.64
N LEU B 72 25.55 6.54 22.90
CA LEU B 72 25.07 5.91 21.70
C LEU B 72 25.16 6.84 20.52
N LYS B 73 26.04 6.49 19.58
CA LYS B 73 26.28 7.30 18.40
C LYS B 73 25.15 7.08 17.40
N PHE B 74 24.72 8.14 16.73
CA PHE B 74 23.69 8.06 15.71
C PHE B 74 24.25 8.68 14.51
N VAL B 75 24.09 8.05 13.37
CA VAL B 75 24.62 8.63 12.14
C VAL B 75 23.47 9.08 11.21
N PHE B 76 23.48 10.34 10.77
CA PHE B 76 22.44 10.82 9.88
C PHE B 76 23.04 11.39 8.63
N ASP B 77 22.22 11.76 7.68
CA ASP B 77 22.75 12.36 6.47
C ASP B 77 23.31 13.71 6.74
N ALA B 78 22.76 14.37 7.77
CA ALA B 78 23.35 15.61 8.26
C ALA B 78 22.93 15.88 9.70
N VAL B 79 23.79 16.56 10.45
CA VAL B 79 23.44 17.05 11.76
C VAL B 79 23.75 18.55 11.82
N PHE B 80 22.78 19.32 12.32
CA PHE B 80 22.88 20.77 12.48
C PHE B 80 22.98 21.06 13.96
N ASP B 81 24.10 21.64 14.39
CA ASP B 81 24.34 21.88 15.81
C ASP B 81 23.56 23.14 16.24
N GLU B 82 23.77 23.58 17.48
CA GLU B 82 23.08 24.74 18.08
C GLU B 82 23.36 26.10 17.44
N THR B 83 24.37 26.19 16.60
CA THR B 83 24.72 27.45 15.96
C THR B 83 24.23 27.49 14.53
N SER B 84 23.60 26.43 14.05
CA SER B 84 23.16 26.36 12.65
C SER B 84 22.20 27.50 12.33
N THR B 85 22.35 28.02 11.13
CA THR B 85 21.50 29.10 10.65
C THR B 85 20.43 28.51 9.77
N GLN B 86 19.40 29.29 9.56
CA GLN B 86 18.33 28.91 8.65
C GLN B 86 18.87 28.59 7.27
N SER B 87 19.82 29.41 6.81
CA SER B 87 20.47 29.21 5.51
C SER B 87 21.19 27.89 5.39
N GLU B 88 21.93 27.50 6.41
CA GLU B 88 22.56 26.17 6.42
C GLU B 88 21.58 25.01 6.30
N VAL B 89 20.51 25.04 7.09
CA VAL B 89 19.49 24.00 7.03
C VAL B 89 18.85 23.94 5.64
N PHE B 90 18.53 25.10 5.11
CA PHE B 90 17.98 25.21 3.78
C PHE B 90 18.95 24.63 2.71
N GLU B 91 20.23 24.98 2.82
CA GLU B 91 21.21 24.63 1.77
C GLU B 91 21.38 23.12 1.74
N HIS B 92 21.13 22.46 2.88
CA HIS B 92 21.24 20.99 2.95
C HIS B 92 19.88 20.20 3.03
N THR B 93 18.76 20.87 2.80
CA THR B 93 17.45 20.20 2.73
C THR B 93 16.78 20.48 1.39
N THR B 94 16.03 21.57 1.32
CA THR B 94 15.26 21.82 0.09
C THR B 94 16.08 22.40 -1.09
N LYS B 95 17.10 23.19 -0.82
CA LYS B 95 17.85 23.78 -1.95
C LYS B 95 18.28 22.73 -3.00
N PRO B 96 18.97 21.66 -2.62
CA PRO B 96 19.24 20.57 -3.58
C PRO B 96 17.99 19.98 -4.27
N ILE B 97 16.90 19.90 -3.54
CA ILE B 97 15.72 19.16 -4.04
C ILE B 97 14.84 19.95 -4.99
N LEU B 98 15.08 21.25 -5.09
CA LEU B 98 14.28 22.11 -5.96
C LEU B 98 14.48 21.72 -7.42
N ARG B 99 15.67 21.23 -7.74
CA ARG B 99 15.99 20.68 -9.06
C ARG B 99 15.06 19.54 -9.48
N SER B 100 14.86 18.56 -8.60
CA SER B 100 13.95 17.47 -8.90
C SER B 100 12.53 17.97 -9.04
N PHE B 101 12.12 18.89 -8.15
CA PHE B 101 10.78 19.48 -8.24
C PHE B 101 10.57 20.12 -9.63
N LEU B 102 11.58 20.90 -10.07
CA LEU B 102 11.50 21.61 -11.39
C LEU B 102 11.46 20.63 -12.55
N ASN B 103 12.10 19.47 -12.37
CA ASN B 103 12.00 18.37 -13.34
C ASN B 103 10.80 17.49 -13.16
N GLY B 104 9.85 17.85 -12.28
CA GLY B 104 8.58 17.15 -12.22
C GLY B 104 8.39 16.20 -11.07
N TYR B 105 9.35 16.06 -10.16
CA TYR B 105 9.15 15.13 -9.04
C TYR B 105 8.39 15.75 -7.84
N ASN B 106 7.46 15.01 -7.28
CA ASN B 106 6.88 15.35 -5.99
C ASN B 106 8.00 15.30 -4.94
N CYS B 107 7.99 16.28 -4.05
CA CYS B 107 8.95 16.36 -2.96
C CYS B 107 8.20 16.57 -1.64
N THR B 108 8.76 16.08 -0.54
CA THR B 108 8.11 16.20 0.77
C THR B 108 9.13 16.40 1.86
N VAL B 109 8.92 17.41 2.68
CA VAL B 109 9.73 17.65 3.87
C VAL B 109 8.89 17.50 5.16
N LEU B 110 9.31 16.63 6.08
CA LEU B 110 8.60 16.39 7.31
C LEU B 110 9.44 16.93 8.44
N ALA B 111 8.90 17.87 9.18
CA ALA B 111 9.58 18.37 10.41
C ALA B 111 8.99 17.61 11.54
N TYR B 112 9.80 16.78 12.22
CA TYR B 112 9.35 15.80 13.20
C TYR B 112 10.03 16.03 14.58
N GLY B 113 9.33 15.80 15.68
CA GLY B 113 9.96 15.97 16.98
C GLY B 113 8.98 16.47 18.02
N ALA B 114 9.41 16.47 19.27
CA ALA B 114 8.51 16.85 20.35
C ALA B 114 8.28 18.36 20.38
N THR B 115 7.19 18.74 21.02
CA THR B 115 6.90 20.17 21.26
C THR B 115 8.09 20.82 21.94
N GLY B 116 8.41 22.04 21.53
CA GLY B 116 9.55 22.77 22.04
C GLY B 116 10.87 22.52 21.33
N ALA B 117 10.92 21.56 20.40
CA ALA B 117 12.22 21.12 19.86
C ALA B 117 12.77 21.95 18.72
N GLY B 118 11.90 22.62 17.95
CA GLY B 118 12.33 23.53 16.88
C GLY B 118 11.73 23.25 15.49
N LYS B 119 10.62 22.52 15.45
CA LYS B 119 9.90 22.32 14.20
C LYS B 119 9.41 23.63 13.50
N THR B 120 8.73 24.49 14.24
CA THR B 120 8.18 25.68 13.67
C THR B 120 9.26 26.70 13.41
N HIS B 121 10.20 26.82 14.32
CA HIS B 121 11.32 27.68 14.05
C HIS B 121 12.06 27.31 12.77
N THR B 122 12.24 26.00 12.55
CA THR B 122 12.89 25.53 11.31
C THR B 122 12.02 25.79 10.08
N MET B 123 10.70 25.56 10.15
CA MET B 123 9.89 25.66 8.94
C MET B 123 9.37 27.09 8.68
N LEU B 124 8.93 27.76 9.75
CA LEU B 124 8.40 29.11 9.69
C LEU B 124 9.51 30.10 9.93
N GLY B 125 10.26 29.86 10.99
CA GLY B 125 11.22 30.78 11.55
C GLY B 125 10.57 31.95 12.23
N SER B 126 11.38 33.00 12.38
CA SER B 126 11.02 34.29 12.97
C SER B 126 11.19 35.39 11.96
N ALA B 127 10.75 36.59 12.34
CA ALA B 127 10.91 37.79 11.50
C ALA B 127 12.37 38.00 11.16
N ASP B 128 13.25 37.91 12.15
CA ASP B 128 14.71 38.06 11.92
C ASP B 128 15.38 36.91 11.18
N GLU B 129 14.82 35.70 11.33
CA GLU B 129 15.40 34.49 10.77
C GLU B 129 14.28 33.62 10.14
N PRO B 130 13.85 33.99 8.95
CA PRO B 130 12.79 33.21 8.29
C PRO B 130 13.30 31.80 7.96
N GLY B 131 12.36 30.85 7.95
CA GLY B 131 12.70 29.46 7.87
C GLY B 131 12.61 28.85 6.50
N VAL B 132 12.61 27.53 6.50
CA VAL B 132 12.71 26.73 5.27
C VAL B 132 11.62 27.10 4.24
N MET B 133 10.40 27.34 4.67
CA MET B 133 9.33 27.57 3.68
C MET B 133 9.56 28.84 2.86
N TYR B 134 9.91 29.90 3.55
CA TYR B 134 10.22 31.18 2.92
C TYR B 134 11.40 31.05 1.97
N LEU B 135 12.52 30.53 2.45
CA LEU B 135 13.72 30.41 1.62
C LEU B 135 13.49 29.52 0.40
N THR B 136 12.61 28.53 0.53
CA THR B 136 12.34 27.60 -0.55
C THR B 136 11.52 28.37 -1.55
N MET B 137 10.55 29.13 -1.06
CA MET B 137 9.74 29.89 -1.97
C MET B 137 10.63 30.82 -2.76
N LEU B 138 11.53 31.55 -2.12
CA LEU B 138 12.35 32.53 -2.87
C LEU B 138 13.22 31.88 -3.90
N HIS B 139 13.86 30.78 -3.55
CA HIS B 139 14.79 30.14 -4.48
C HIS B 139 14.06 29.47 -5.62
N LEU B 140 12.84 29.00 -5.36
CA LEU B 140 11.98 28.42 -6.41
C LEU B 140 11.70 29.49 -7.47
N TYR B 141 11.27 30.67 -7.04
CA TYR B 141 11.05 31.77 -7.98
C TYR B 141 12.31 32.19 -8.84
N LYS B 142 13.47 32.32 -8.21
CA LYS B 142 14.73 32.50 -8.96
C LYS B 142 14.93 31.39 -9.99
N CYS B 143 14.76 30.13 -9.57
CA CYS B 143 14.94 29.02 -10.49
C CYS B 143 13.98 29.01 -11.67
N MET B 144 12.72 29.36 -11.43
CA MET B 144 11.72 29.31 -12.50
C MET B 144 12.08 30.34 -13.56
N ASP B 145 12.58 31.49 -13.12
CA ASP B 145 13.14 32.50 -14.00
C ASP B 145 14.33 32.05 -14.83
N GLU B 146 14.85 30.84 -14.59
CA GLU B 146 16.04 30.31 -15.29
C GLU B 146 15.75 29.13 -16.18
N ILE B 147 14.55 28.57 -16.12
CA ILE B 147 14.24 27.50 -17.01
C ILE B 147 13.32 27.97 -18.13
N LYS B 148 13.17 29.29 -18.30
CA LYS B 148 12.18 29.87 -19.22
C LYS B 148 12.29 29.30 -20.63
N GLU B 149 13.53 29.09 -21.07
CA GLU B 149 13.80 28.62 -22.43
C GLU B 149 13.45 27.16 -22.63
N GLU B 150 13.38 26.39 -21.56
CA GLU B 150 13.03 24.97 -21.68
C GLU B 150 11.52 24.63 -21.55
N LYS B 151 10.78 25.46 -20.83
CA LYS B 151 9.37 25.17 -20.57
C LYS B 151 8.58 26.33 -20.05
N ILE B 152 7.29 26.11 -20.06
CA ILE B 152 6.29 27.07 -19.69
C ILE B 152 5.80 26.54 -18.36
N CYS B 153 5.74 27.44 -17.36
CA CYS B 153 5.46 27.10 -15.96
C CYS B 153 4.59 28.15 -15.27
N SER B 154 3.89 27.68 -14.25
CA SER B 154 3.27 28.52 -13.26
C SER B 154 3.21 27.76 -11.97
N THR B 155 2.94 28.53 -10.90
CA THR B 155 2.82 28.05 -9.54
C THR B 155 1.63 28.62 -8.80
N ALA B 156 1.30 27.89 -7.75
CA ALA B 156 0.35 28.28 -6.76
C ALA B 156 0.71 27.54 -5.46
N VAL B 157 0.14 27.98 -4.33
CA VAL B 157 0.36 27.32 -3.06
C VAL B 157 -0.91 27.28 -2.25
N SER B 158 -0.96 26.32 -1.34
CA SER B 158 -2.06 26.21 -0.38
C SER B 158 -1.48 25.97 1.00
N TYR B 159 -2.30 26.12 2.04
CA TYR B 159 -1.80 25.91 3.40
C TYR B 159 -2.99 25.39 4.21
N LEU B 160 -2.88 24.15 4.67
CA LEU B 160 -3.94 23.47 5.39
C LEU B 160 -3.44 22.85 6.69
N GLU B 161 -4.34 22.55 7.59
CA GLU B 161 -3.95 21.82 8.77
C GLU B 161 -4.76 20.56 8.87
N VAL B 162 -4.14 19.52 9.40
CA VAL B 162 -4.85 18.35 9.93
C VAL B 162 -4.77 18.41 11.47
N TYR B 163 -5.95 18.46 12.10
CA TYR B 163 -6.10 18.53 13.53
C TYR B 163 -7.32 17.66 13.90
N ASN B 164 -7.11 16.71 14.80
CA ASN B 164 -8.16 15.77 15.18
C ASN B 164 -8.92 15.12 14.00
N GLU B 165 -8.15 14.75 12.98
CA GLU B 165 -8.61 14.16 11.71
C GLU B 165 -9.57 15.02 10.91
N GLN B 166 -9.52 16.32 11.14
CA GLN B 166 -10.25 17.29 10.34
C GLN B 166 -9.25 18.11 9.52
N ILE B 167 -9.52 18.26 8.23
CA ILE B 167 -8.71 19.13 7.39
C ILE B 167 -9.29 20.53 7.37
N ARG B 168 -8.49 21.54 7.72
CA ARG B 168 -8.91 22.91 7.51
C ARG B 168 -7.94 23.71 6.69
N ASP B 169 -8.50 24.66 5.94
CA ASP B 169 -7.73 25.63 5.16
C ASP B 169 -7.23 26.62 6.19
N LEU B 170 -5.94 26.88 6.22
CA LEU B 170 -5.40 27.82 7.16
C LEU B 170 -5.46 29.30 6.74
N LEU B 171 -5.86 29.55 5.51
CA LEU B 171 -5.86 30.91 4.98
C LEU B 171 -7.28 31.49 4.89
N VAL B 172 -8.30 30.66 4.94
CA VAL B 172 -9.69 31.13 5.01
C VAL B 172 -10.46 30.30 6.06
N ASN B 173 -11.49 30.88 6.65
CA ASN B 173 -12.25 30.18 7.68
C ASN B 173 -13.43 29.47 7.02
N SER B 174 -13.16 28.38 6.28
CA SER B 174 -14.16 27.66 5.48
C SER B 174 -14.62 26.31 6.04
N GLY B 175 -14.25 26.00 7.28
CA GLY B 175 -14.68 24.75 7.90
C GLY B 175 -14.01 23.47 7.39
N PRO B 176 -14.38 22.32 7.93
CA PRO B 176 -13.69 21.07 7.58
C PRO B 176 -13.85 20.72 6.11
N LEU B 177 -12.82 20.16 5.49
CA LEU B 177 -12.87 19.86 4.07
C LEU B 177 -12.81 18.36 3.86
N ALA B 178 -13.40 17.93 2.75
CA ALA B 178 -13.42 16.54 2.35
C ALA B 178 -12.30 16.37 1.39
N VAL B 179 -11.76 15.16 1.32
CA VAL B 179 -10.77 14.80 0.33
C VAL B 179 -11.45 14.14 -0.87
N LYS B 185 -6.04 10.32 -10.90
CA LYS B 185 -6.71 10.03 -9.63
C LYS B 185 -5.95 10.72 -8.47
N GLY B 186 -5.39 11.92 -8.76
CA GLY B 186 -4.48 12.62 -7.86
C GLY B 186 -5.24 13.06 -6.62
N VAL B 187 -4.54 13.52 -5.59
CA VAL B 187 -5.19 13.86 -4.31
C VAL B 187 -5.74 15.28 -4.39
N VAL B 188 -7.03 15.40 -4.17
CA VAL B 188 -7.72 16.66 -4.32
C VAL B 188 -8.44 16.95 -3.02
N VAL B 189 -8.14 18.08 -2.40
CA VAL B 189 -8.90 18.56 -1.23
C VAL B 189 -10.00 19.53 -1.71
N HIS B 190 -11.26 19.14 -1.56
CA HIS B 190 -12.38 19.92 -2.08
C HIS B 190 -12.58 21.26 -1.33
N GLY B 191 -12.53 22.37 -2.05
CA GLY B 191 -12.72 23.69 -1.50
C GLY B 191 -11.51 24.39 -0.89
N LEU B 192 -10.35 23.76 -0.95
CA LEU B 192 -9.12 24.36 -0.45
C LEU B 192 -8.72 25.50 -1.31
N THR B 193 -8.32 26.62 -0.73
CA THR B 193 -7.90 27.76 -1.54
C THR B 193 -6.42 27.69 -2.05
N LEU B 194 -6.21 28.17 -3.27
CA LEU B 194 -4.90 28.38 -3.88
C LEU B 194 -4.56 29.87 -3.90
N HIS B 195 -3.29 30.17 -3.79
CA HIS B 195 -2.74 31.51 -3.64
C HIS B 195 -1.48 31.58 -4.52
N GLN B 196 -1.18 32.79 -4.99
CA GLN B 196 -0.02 33.04 -5.79
C GLN B 196 0.74 34.22 -5.25
N PRO B 197 1.38 34.08 -4.09
CA PRO B 197 2.19 35.17 -3.54
C PRO B 197 3.42 35.44 -4.39
N LYS B 198 3.65 36.70 -4.71
CA LYS B 198 4.70 37.03 -5.66
C LYS B 198 5.93 37.58 -4.94
N SER B 199 5.75 38.56 -4.05
CA SER B 199 6.86 39.19 -3.39
C SER B 199 7.21 38.47 -2.08
N SER B 200 8.45 38.67 -1.67
CA SER B 200 8.94 38.30 -0.36
C SER B 200 7.93 38.58 0.72
N GLU B 201 7.48 39.82 0.73
CA GLU B 201 6.54 40.33 1.70
C GLU B 201 5.22 39.54 1.70
N GLU B 202 4.73 39.21 0.52
CA GLU B 202 3.49 38.45 0.39
C GLU B 202 3.63 37.00 0.87
N ILE B 203 4.81 36.41 0.66
CA ILE B 203 5.06 35.02 1.05
C ILE B 203 5.08 34.98 2.60
N LEU B 204 5.83 35.90 3.18
CA LEU B 204 5.89 36.02 4.63
C LEU B 204 4.56 36.22 5.27
N HIS B 205 3.78 37.17 4.76
CA HIS B 205 2.42 37.42 5.27
C HIS B 205 1.51 36.19 5.21
N LEU B 206 1.57 35.43 4.12
CA LEU B 206 0.71 34.26 3.93
C LEU B 206 1.05 33.16 4.97
N LEU B 207 2.33 32.91 5.14
CA LEU B 207 2.84 31.94 6.06
C LEU B 207 2.55 32.35 7.50
N ASP B 208 2.83 33.61 7.83
CA ASP B 208 2.46 34.14 9.12
C ASP B 208 0.94 33.95 9.38
N ASN B 209 0.12 34.38 8.45
CA ASN B 209 -1.31 34.26 8.62
C ASN B 209 -1.79 32.83 8.83
N GLY B 210 -1.26 31.90 8.03
CA GLY B 210 -1.68 30.51 8.14
C GLY B 210 -1.25 29.94 9.47
N ASN B 211 -0.04 30.29 9.88
CA ASN B 211 0.46 29.69 11.11
C ASN B 211 -0.41 30.14 12.31
N LYS B 212 -0.79 31.42 12.31
CA LYS B 212 -1.65 32.03 13.33
C LYS B 212 -2.98 31.36 13.43
N ASN B 213 -3.53 30.85 12.34
CA ASN B 213 -4.84 30.19 12.38
C ASN B 213 -4.81 28.72 12.79
N ARG B 214 -3.66 28.18 13.17
CA ARG B 214 -3.57 26.79 13.58
C ARG B 214 -4.44 26.48 14.82
N THR B 215 -4.95 25.27 14.90
CA THR B 215 -5.90 24.94 15.97
C THR B 215 -5.14 24.66 17.21
N GLN B 216 -5.57 25.30 18.30
CA GLN B 216 -5.03 25.04 19.62
C GLN B 216 -5.90 23.95 20.30
N HIS B 217 -5.27 22.97 20.92
CA HIS B 217 -5.97 22.00 21.75
C HIS B 217 -6.32 22.59 23.12
N PRO B 218 -7.53 22.39 23.62
CA PRO B 218 -7.95 22.97 24.93
C PRO B 218 -7.03 22.67 26.14
N THR B 219 -6.40 21.53 26.05
CA THR B 219 -5.54 21.02 27.10
C THR B 219 -4.05 21.38 26.92
N ASP B 220 -3.73 22.12 25.85
CA ASP B 220 -2.34 22.56 25.65
C ASP B 220 -2.14 23.91 26.35
N MET B 221 -1.40 23.87 27.44
CA MET B 221 -1.19 25.04 28.31
C MET B 221 -0.39 26.19 27.69
N ASN B 222 0.59 25.90 26.86
CA ASN B 222 1.36 26.98 26.25
C ASN B 222 0.89 27.33 24.84
N ALA B 223 -0.12 26.62 24.30
CA ALA B 223 -0.68 26.99 22.98
C ALA B 223 0.35 27.08 21.85
N THR B 224 1.04 25.97 21.62
CA THR B 224 2.10 25.88 20.62
C THR B 224 1.64 25.11 19.39
N SER B 225 0.33 24.91 19.23
CA SER B 225 -0.27 24.23 18.09
C SER B 225 0.26 22.82 18.02
N SER B 226 0.36 22.21 19.20
CA SER B 226 1.09 20.95 19.34
C SER B 226 0.37 19.75 18.76
N ARG B 227 -0.93 19.84 18.52
CA ARG B 227 -1.70 18.75 17.85
C ARG B 227 -2.13 19.07 16.40
N SER B 228 -1.55 20.11 15.82
CA SER B 228 -1.84 20.56 14.48
C SER B 228 -0.71 20.17 13.54
N HIS B 229 -1.01 19.43 12.46
CA HIS B 229 -0.09 19.22 11.34
C HIS B 229 -0.33 20.36 10.34
N ALA B 230 0.64 21.24 10.15
CA ALA B 230 0.49 22.31 9.17
C ALA B 230 1.21 21.85 7.87
N VAL B 231 0.47 21.85 6.77
CA VAL B 231 0.90 21.27 5.50
C VAL B 231 0.87 22.38 4.44
N PHE B 232 2.01 23.01 4.22
CA PHE B 232 2.20 23.99 3.14
C PHE B 232 2.64 23.32 1.79
N GLN B 233 1.89 23.55 0.71
CA GLN B 233 2.09 22.83 -0.53
C GLN B 233 2.24 23.77 -1.71
N ILE B 234 3.24 23.49 -2.54
CA ILE B 234 3.59 24.26 -3.74
C ILE B 234 3.27 23.36 -4.97
N TYR B 235 2.42 23.87 -5.85
CA TYR B 235 2.01 23.26 -7.09
C TYR B 235 2.76 23.97 -8.27
N LEU B 236 3.40 23.15 -9.09
CA LEU B 236 4.07 23.58 -10.29
C LEU B 236 3.46 22.85 -11.47
N ARG B 237 2.79 23.62 -12.32
CA ARG B 237 2.26 23.16 -13.60
C ARG B 237 3.34 23.45 -14.61
N GLN B 238 3.56 22.52 -15.51
CA GLN B 238 4.63 22.63 -16.46
C GLN B 238 4.16 22.05 -17.76
N GLN B 239 4.65 22.61 -18.85
CA GLN B 239 4.38 22.04 -20.15
C GLN B 239 5.42 22.50 -21.12
N ASP B 240 5.39 21.79 -22.24
CA ASP B 240 6.21 21.97 -23.40
C ASP B 240 6.26 23.41 -23.86
N LYS B 241 7.47 23.91 -24.11
CA LYS B 241 7.71 25.13 -24.86
C LYS B 241 6.99 25.18 -26.23
N THR B 242 6.98 24.07 -26.93
CA THR B 242 6.44 24.01 -28.28
C THR B 242 4.99 23.58 -28.19
N ALA B 243 4.11 24.21 -28.97
CA ALA B 243 2.67 23.95 -28.86
C ALA B 243 2.27 22.68 -29.62
N SER B 244 1.19 22.06 -29.16
CA SER B 244 0.66 20.81 -29.74
C SER B 244 -0.80 20.63 -29.39
N ILE B 245 -1.41 19.60 -29.97
CA ILE B 245 -2.73 19.15 -29.49
C ILE B 245 -2.55 18.23 -28.27
N ASN B 246 -3.42 18.45 -27.27
CA ASN B 246 -3.18 18.04 -25.89
C ASN B 246 -2.08 18.96 -25.27
N GLN B 247 -0.80 18.59 -25.44
CA GLN B 247 0.31 19.06 -24.59
C GLN B 247 0.37 18.15 -23.34
N ASN B 248 1.59 17.88 -22.88
CA ASN B 248 1.82 17.09 -21.66
C ASN B 248 1.95 17.98 -20.42
N VAL B 249 0.80 18.42 -19.91
CA VAL B 249 0.74 19.26 -18.71
C VAL B 249 1.00 18.42 -17.48
N ARG B 250 2.18 18.55 -16.89
CA ARG B 250 2.50 17.84 -15.65
C ARG B 250 2.47 18.76 -14.44
N ILE B 251 1.74 18.34 -13.43
CA ILE B 251 1.75 19.05 -12.14
C ILE B 251 2.62 18.31 -11.12
N ALA B 252 3.62 18.98 -10.57
CA ALA B 252 4.33 18.43 -9.44
C ALA B 252 3.92 19.15 -8.12
N LYS B 253 4.14 18.48 -7.01
CA LYS B 253 3.70 19.02 -5.71
C LYS B 253 4.81 18.91 -4.69
N MET B 254 5.21 20.02 -4.07
CA MET B 254 6.14 20.05 -2.90
C MET B 254 5.36 20.34 -1.63
N SER B 255 5.48 19.44 -0.66
CA SER B 255 4.76 19.52 0.61
C SER B 255 5.77 19.68 1.75
N LEU B 256 5.64 20.79 2.45
CA LEU B 256 6.51 21.20 3.51
C LEU B 256 5.65 21.20 4.77
N ILE B 257 5.94 20.26 5.66
CA ILE B 257 5.08 19.89 6.75
C ILE B 257 5.69 20.12 8.09
N ASP B 258 4.94 20.82 8.95
CA ASP B 258 5.26 21.04 10.36
C ASP B 258 4.30 20.23 11.20
N LEU B 259 4.77 19.09 11.66
CA LEU B 259 3.90 18.04 12.22
C LEU B 259 3.48 18.35 13.64
N ALA B 260 2.39 17.70 14.02
CA ALA B 260 2.07 17.52 15.42
C ALA B 260 3.27 16.97 16.18
N GLY B 261 3.41 17.43 17.42
CA GLY B 261 4.36 16.91 18.40
C GLY B 261 4.33 15.40 18.67
N SER B 262 5.52 14.84 18.78
CA SER B 262 5.72 13.42 19.09
C SER B 262 5.88 13.08 20.59
N GLU B 263 5.85 14.04 21.49
CA GLU B 263 5.96 13.72 22.93
C GLU B 263 4.99 12.63 23.43
N ARG B 264 5.49 11.79 24.34
CA ARG B 264 4.67 10.76 24.97
C ARG B 264 3.80 11.45 26.00
N ALA B 265 2.48 11.28 25.86
CA ALA B 265 1.47 12.05 26.60
C ALA B 265 0.93 11.27 27.78
N THR B 279 -6.85 7.18 19.32
CA THR B 279 -7.69 8.37 19.20
C THR B 279 -7.50 9.12 17.86
N ASN B 280 -8.49 9.93 17.51
CA ASN B 280 -8.41 10.84 16.36
C ASN B 280 -7.35 11.93 16.56
N ILE B 281 -7.10 12.30 17.80
CA ILE B 281 -6.12 13.35 18.05
C ILE B 281 -4.71 12.95 17.58
N ASN B 282 -4.32 11.66 17.69
CA ASN B 282 -2.97 11.24 17.20
C ASN B 282 -2.95 10.24 16.07
N ARG B 283 -4.11 9.99 15.46
CA ARG B 283 -4.27 9.03 14.35
C ARG B 283 -3.28 9.30 13.18
N SER B 284 -3.25 10.53 12.67
CA SER B 284 -2.36 10.89 11.54
C SER B 284 -0.89 10.71 11.88
N LEU B 285 -0.49 11.00 13.11
CA LEU B 285 0.91 10.90 13.48
C LEU B 285 1.37 9.45 13.54
N LEU B 286 0.57 8.62 14.22
CA LEU B 286 0.76 7.21 14.29
C LEU B 286 0.68 6.57 12.87
N ALA B 287 -0.23 7.03 12.02
CA ALA B 287 -0.32 6.42 10.72
C ALA B 287 0.91 6.80 9.83
N LEU B 288 1.53 7.94 10.07
CA LEU B 288 2.76 8.31 9.37
C LEU B 288 3.88 7.38 9.76
N GLY B 289 3.98 7.10 11.05
CA GLY B 289 4.82 6.05 11.58
C GLY B 289 4.69 4.69 10.88
N ASN B 290 3.46 4.23 10.70
CA ASN B 290 3.18 2.93 10.08
C ASN B 290 3.47 2.96 8.59
N VAL B 291 3.25 4.12 7.98
CA VAL B 291 3.63 4.34 6.61
C VAL B 291 5.16 4.34 6.43
N ILE B 292 5.89 5.00 7.33
CA ILE B 292 7.34 4.99 7.25
C ILE B 292 7.86 3.54 7.42
N ASN B 293 7.37 2.84 8.45
CA ASN B 293 7.71 1.43 8.68
C ASN B 293 7.38 0.50 7.50
N ALA B 294 6.25 0.70 6.82
CA ALA B 294 5.92 -0.13 5.63
C ALA B 294 6.84 0.19 4.47
N LEU B 295 7.20 1.46 4.31
CA LEU B 295 8.14 1.82 3.28
C LEU B 295 9.50 1.22 3.55
N ALA B 296 9.97 1.32 4.80
CA ALA B 296 11.27 0.75 5.14
C ALA B 296 11.33 -0.78 4.91
N ASP B 297 10.23 -1.49 5.24
CA ASP B 297 10.09 -2.96 5.03
C ASP B 297 9.79 -3.45 3.60
N SER B 298 9.43 -2.58 2.67
CA SER B 298 9.13 -3.00 1.30
C SER B 298 10.38 -3.60 0.62
N LYS B 299 10.15 -4.42 -0.41
CA LYS B 299 11.19 -5.15 -1.13
C LYS B 299 10.92 -5.24 -2.63
N PRO B 306 -0.54 1.99 2.80
CA PRO B 306 -1.12 2.19 4.15
C PRO B 306 -1.61 3.64 4.43
N TYR B 307 -1.77 4.40 3.35
CA TYR B 307 -2.06 5.84 3.39
C TYR B 307 -3.47 6.10 3.88
N ARG B 308 -4.36 5.18 3.60
CA ARG B 308 -5.76 5.32 4.00
C ARG B 308 -5.99 5.44 5.50
N ASN B 309 -5.02 5.16 6.32
CA ASN B 309 -5.27 5.05 7.75
C ASN B 309 -5.60 6.36 8.51
N SER B 310 -5.39 7.51 7.86
CA SER B 310 -5.61 8.83 8.46
C SER B 310 -5.68 9.91 7.40
N LYS B 311 -6.12 11.11 7.77
CA LYS B 311 -6.16 12.22 6.82
C LYS B 311 -4.77 12.60 6.32
N LEU B 312 -3.79 12.70 7.21
CA LEU B 312 -2.49 13.19 6.81
C LEU B 312 -1.89 12.28 5.76
N THR B 313 -1.93 10.98 6.07
CA THR B 313 -1.34 10.01 5.18
C THR B 313 -2.11 9.90 3.86
N ARG B 314 -3.42 10.12 3.88
CA ARG B 314 -4.13 10.21 2.61
C ARG B 314 -3.65 11.40 1.78
N LEU B 315 -3.38 12.52 2.43
CA LEU B 315 -2.90 13.69 1.68
C LEU B 315 -1.56 13.40 1.06
N LEU B 316 -0.78 12.54 1.71
CA LEU B 316 0.58 12.25 1.23
C LEU B 316 0.73 10.98 0.36
N LYS B 317 -0.37 10.40 -0.10
CA LYS B 317 -0.36 9.21 -0.96
C LYS B 317 0.66 9.31 -2.09
N ASP B 318 0.69 10.46 -2.76
CA ASP B 318 1.55 10.55 -3.93
C ASP B 318 2.77 11.34 -3.64
N SER B 319 3.05 11.53 -2.36
CA SER B 319 4.17 12.33 -1.91
C SER B 319 5.25 11.52 -1.16
N LEU B 320 4.98 10.27 -0.76
CA LEU B 320 5.95 9.51 0.05
C LEU B 320 6.58 8.25 -0.57
N GLY B 321 5.85 7.57 -1.44
CA GLY B 321 6.45 6.41 -2.12
C GLY B 321 7.45 6.78 -3.21
N GLY B 322 7.96 5.78 -3.91
CA GLY B 322 9.04 5.97 -4.87
C GLY B 322 8.81 6.88 -6.04
N ASN B 323 9.86 7.60 -6.41
CA ASN B 323 9.81 8.85 -7.21
C ASN B 323 9.99 10.04 -6.31
N CYS B 324 9.31 10.04 -5.17
CA CYS B 324 9.30 11.24 -4.33
C CYS B 324 10.67 11.42 -3.69
N GLN B 325 11.15 12.65 -3.75
CA GLN B 325 12.28 13.13 -2.99
C GLN B 325 11.75 13.59 -1.63
N THR B 326 12.12 12.89 -0.57
CA THR B 326 11.63 13.15 0.75
C THR B 326 12.78 13.43 1.70
N ILE B 327 12.46 14.18 2.76
CA ILE B 327 13.44 14.57 3.72
C ILE B 327 12.70 14.65 5.02
N MET B 328 13.30 14.12 6.07
CA MET B 328 12.84 14.33 7.44
C MET B 328 13.83 15.23 8.11
N ILE B 329 13.32 16.33 8.69
CA ILE B 329 14.07 17.14 9.67
C ILE B 329 13.51 16.83 11.04
N ALA B 330 14.27 16.04 11.81
CA ALA B 330 13.92 15.68 13.18
C ALA B 330 14.61 16.71 14.11
N ALA B 331 13.79 17.36 14.93
CA ALA B 331 14.19 18.41 15.86
C ALA B 331 14.34 17.83 17.25
N VAL B 332 15.44 18.16 17.91
CA VAL B 332 15.64 17.76 19.30
C VAL B 332 16.06 18.88 20.24
N SER B 333 15.48 18.84 21.46
CA SER B 333 15.93 19.66 22.57
C SER B 333 17.07 18.93 23.28
N PRO B 334 18.21 19.60 23.49
CA PRO B 334 19.39 18.94 24.05
C PRO B 334 19.43 18.69 25.55
N SER B 335 18.54 19.22 26.38
CA SER B 335 18.71 19.06 27.83
C SER B 335 18.36 17.67 28.24
N SER B 336 19.02 17.21 29.32
CA SER B 336 18.67 15.94 29.96
C SER B 336 17.20 15.86 30.40
N VAL B 337 16.51 17.00 30.57
CA VAL B 337 15.09 16.96 30.98
C VAL B 337 14.17 16.35 29.90
N PHE B 338 14.62 16.42 28.65
CA PHE B 338 13.87 15.84 27.53
C PHE B 338 14.37 14.46 27.13
N TYR B 339 15.06 13.79 28.05
CA TYR B 339 15.73 12.50 27.74
C TYR B 339 14.94 11.51 26.87
N ASP B 340 13.79 11.11 27.38
CA ASP B 340 12.98 10.08 26.77
C ASP B 340 12.40 10.49 25.41
N ASP B 341 11.95 11.75 25.31
CA ASP B 341 11.33 12.21 24.09
C ASP B 341 12.37 12.30 23.00
N THR B 342 13.54 12.82 23.38
CA THR B 342 14.66 12.94 22.49
C THR B 342 15.14 11.57 22.00
N TYR B 343 15.24 10.61 22.92
CA TYR B 343 15.66 9.25 22.56
C TYR B 343 14.67 8.69 21.56
N ASN B 344 13.37 8.87 21.84
CA ASN B 344 12.35 8.39 20.89
C ASN B 344 12.49 9.03 19.49
N THR B 345 12.74 10.34 19.43
CA THR B 345 12.90 11.06 18.17
C THR B 345 14.12 10.57 17.42
N LEU B 346 15.21 10.34 18.14
CA LEU B 346 16.44 9.85 17.51
C LEU B 346 16.24 8.46 16.94
N LYS B 347 15.58 7.54 17.65
CA LYS B 347 15.26 6.22 17.06
C LYS B 347 14.32 6.30 15.85
N TYR B 348 13.31 7.17 15.93
CA TYR B 348 12.39 7.33 14.85
C TYR B 348 13.11 7.88 13.60
N ALA B 349 13.90 8.93 13.74
CA ALA B 349 14.63 9.43 12.58
C ALA B 349 15.58 8.34 12.02
N ASN B 350 16.23 7.62 12.92
CA ASN B 350 17.17 6.58 12.53
C ASN B 350 16.49 5.46 11.71
N ARG B 351 15.38 4.96 12.19
CA ARG B 351 14.55 4.01 11.47
C ARG B 351 14.16 4.51 10.04
N ALA B 352 13.98 5.81 9.87
CA ALA B 352 13.55 6.32 8.57
C ALA B 352 14.62 6.19 7.49
N LYS B 353 15.88 6.17 7.91
CA LYS B 353 16.98 5.86 7.00
C LYS B 353 16.83 4.54 6.27
N ASP B 354 16.07 3.59 6.84
CA ASP B 354 15.82 2.30 6.13
C ASP B 354 14.94 2.42 4.90
N ILE B 355 14.24 3.54 4.76
CA ILE B 355 13.50 3.73 3.56
C ILE B 355 14.53 3.69 2.40
#